data_6HMX
#
_entry.id   6HMX
#
_cell.length_a   132.541
_cell.length_b   132.541
_cell.length_c   107.179
_cell.angle_alpha   90.00
_cell.angle_beta   90.00
_cell.angle_gamma   120.00
#
_symmetry.space_group_name_H-M   'P 32 2 1'
#
loop_
_entity.id
_entity.type
_entity.pdbx_description
1 polymer 'Receptor-interacting serine/threonine-protein kinase 2'
2 non-polymer 6-~{tert}-butylsulfonyl-~{N}-(3,4-dimethyl-1~{H}-pyrazol-5-yl)-7-methoxy-quinolin-4-amine
3 water water
#
_entity_poly.entity_id   1
_entity_poly.type   'polypeptide(L)'
_entity_poly.pdbx_seq_one_letter_code
;GMNGEAICSALPTIPYHKLADLRYLSRGASGTVSSARHADWRVQVAVKHLHIHTPLLDSERKDVLREAEILHKARFSYIL
PILGICNEPEFLGIVTEYMPNGSLNELLHRKTEYPDVAWPLRFRILHEIALGVNYLHNMTPPLLHHDLKTQNILLDNEFH
VKIADFGLSKWRMMSLSQSRSSKSAPEGGTIIYMPPENYEPGQKSRASIKHDIYSYAVITWEVLSRKQPFEDVTNPLQIM
YSVSQGHRPVINEESLPYDIPHRARMISLIESGWAQNPDERPSFLKCLIELEPVLRTFEEITFLEAVIQLK
;
_entity_poly.pdbx_strand_id   A,B
#
loop_
_chem_comp.id
_chem_comp.type
_chem_comp.name
_chem_comp.formula
GEZ non-polymer 6-~{tert}-butylsulfonyl-~{N}-(3,4-dimethyl-1~{H}-pyrazol-5-yl)-7-methoxy-quinolin-4-amine 'C19 H24 N4 O3 S'
#
# COMPACT_ATOMS: atom_id res chain seq x y z
N ALA A 6 -2.68 -5.54 -23.00
CA ALA A 6 -1.30 -5.64 -23.48
C ALA A 6 -0.35 -4.69 -22.71
N ILE A 7 -0.87 -4.03 -21.65
CA ILE A 7 -0.11 -3.09 -20.82
C ILE A 7 0.88 -3.88 -19.92
N CYS A 8 2.21 -3.77 -20.21
CA CYS A 8 3.27 -4.49 -19.48
C CYS A 8 4.19 -3.57 -18.63
N SER A 9 4.48 -3.99 -17.39
CA SER A 9 5.34 -3.29 -16.44
C SER A 9 6.53 -4.18 -16.11
N ALA A 10 7.74 -3.63 -16.20
CA ALA A 10 8.96 -4.37 -15.92
C ALA A 10 9.39 -4.14 -14.48
N LEU A 11 9.93 -5.19 -13.83
CA LEU A 11 10.43 -5.10 -12.47
C LEU A 11 11.80 -4.41 -12.48
N PRO A 12 12.00 -3.32 -11.69
CA PRO A 12 13.31 -2.65 -11.70
C PRO A 12 14.44 -3.54 -11.16
N THR A 13 15.64 -3.37 -11.71
CA THR A 13 16.86 -4.04 -11.23
C THR A 13 17.53 -3.06 -10.27
N ILE A 14 17.82 -3.51 -9.06
CA ILE A 14 18.42 -2.67 -8.04
C ILE A 14 19.87 -3.05 -7.86
N PRO A 15 20.82 -2.11 -8.10
CA PRO A 15 22.24 -2.42 -7.83
C PRO A 15 22.41 -2.62 -6.32
N TYR A 16 23.16 -3.65 -5.93
CA TYR A 16 23.40 -4.02 -4.53
C TYR A 16 24.00 -2.87 -3.73
N HIS A 17 24.80 -2.04 -4.39
CA HIS A 17 25.45 -0.89 -3.76
C HIS A 17 24.48 0.24 -3.40
N LYS A 18 23.21 0.18 -3.90
CA LYS A 18 22.16 1.17 -3.61
C LYS A 18 21.40 0.82 -2.32
N LEU A 19 21.69 -0.34 -1.72
CA LEU A 19 21.13 -0.82 -0.45
C LEU A 19 22.10 -0.50 0.67
N ALA A 20 21.77 0.50 1.51
CA ALA A 20 22.61 0.93 2.61
C ALA A 20 22.06 0.34 3.92
N ASP A 21 22.88 0.33 5.00
CA ASP A 21 22.53 -0.16 6.35
C ASP A 21 21.90 -1.55 6.32
N LEU A 22 22.50 -2.47 5.56
CA LEU A 22 22.00 -3.84 5.43
C LEU A 22 22.24 -4.59 6.76
N ARG A 23 21.16 -5.01 7.45
CA ARG A 23 21.18 -5.68 8.76
C ARG A 23 20.33 -6.93 8.74
N TYR A 24 20.89 -8.07 9.24
CA TYR A 24 20.23 -9.37 9.34
C TYR A 24 18.94 -9.26 10.13
N LEU A 25 17.87 -9.94 9.66
CA LEU A 25 16.59 -10.01 10.36
C LEU A 25 16.31 -11.45 10.80
N SER A 26 16.34 -12.39 9.83
CA SER A 26 16.05 -13.81 10.04
C SER A 26 16.64 -14.68 8.93
N ARG A 27 16.72 -16.00 9.18
CA ARG A 27 17.20 -17.00 8.23
C ARG A 27 16.15 -18.09 8.19
N GLY A 28 15.70 -18.41 6.99
CA GLY A 28 14.69 -19.43 6.74
C GLY A 28 15.11 -20.41 5.66
N ALA A 29 14.18 -21.29 5.23
CA ALA A 29 14.46 -22.26 4.16
C ALA A 29 14.61 -21.53 2.81
N SER A 30 13.74 -20.51 2.58
CA SER A 30 13.70 -19.65 1.39
C SER A 30 14.95 -18.78 1.22
N GLY A 31 15.58 -18.45 2.36
CA GLY A 31 16.79 -17.65 2.42
C GLY A 31 16.82 -16.67 3.59
N THR A 32 17.87 -15.85 3.64
CA THR A 32 18.03 -14.84 4.67
C THR A 32 17.19 -13.60 4.32
N VAL A 33 16.62 -12.96 5.35
CA VAL A 33 15.91 -11.71 5.23
C VAL A 33 16.72 -10.66 5.99
N SER A 34 16.98 -9.53 5.34
CA SER A 34 17.70 -8.41 5.93
C SER A 34 16.88 -7.17 5.71
N SER A 35 17.06 -6.14 6.56
CA SER A 35 16.47 -4.83 6.37
C SER A 35 17.57 -3.96 5.77
N ALA A 36 17.19 -2.90 5.05
CA ALA A 36 18.11 -1.93 4.44
C ALA A 36 17.34 -0.68 4.12
N ARG A 37 18.02 0.34 3.61
CA ARG A 37 17.42 1.58 3.10
C ARG A 37 17.93 1.76 1.66
N HIS A 38 17.03 2.12 0.73
CA HIS A 38 17.42 2.40 -0.66
C HIS A 38 18.03 3.82 -0.69
N ALA A 39 19.29 3.94 -1.12
CA ALA A 39 20.05 5.20 -1.12
C ALA A 39 19.47 6.31 -1.99
N ASP A 40 18.76 5.97 -3.08
CA ASP A 40 18.16 6.96 -3.99
C ASP A 40 16.69 7.21 -3.64
N TRP A 41 15.94 6.15 -3.33
CA TRP A 41 14.50 6.22 -3.03
C TRP A 41 14.18 6.72 -1.62
N ARG A 42 15.13 6.59 -0.68
CA ARG A 42 15.03 7.08 0.69
C ARG A 42 13.92 6.42 1.50
N VAL A 43 13.75 5.13 1.29
CA VAL A 43 12.76 4.33 1.98
C VAL A 43 13.46 3.11 2.56
N GLN A 44 12.85 2.51 3.61
CA GLN A 44 13.32 1.28 4.22
C GLN A 44 12.83 0.16 3.33
N VAL A 45 13.65 -0.87 3.14
CA VAL A 45 13.28 -2.01 2.31
C VAL A 45 13.58 -3.30 3.06
N ALA A 46 13.20 -4.43 2.48
CA ALA A 46 13.54 -5.75 3.02
C ALA A 46 14.12 -6.52 1.86
N VAL A 47 15.18 -7.33 2.11
CA VAL A 47 15.89 -8.10 1.09
C VAL A 47 15.93 -9.57 1.48
N LYS A 48 15.40 -10.45 0.62
CA LYS A 48 15.45 -11.90 0.81
C LYS A 48 16.52 -12.42 -0.15
N HIS A 49 17.66 -12.85 0.39
CA HIS A 49 18.82 -13.33 -0.36
C HIS A 49 19.27 -14.71 0.09
N LEU A 50 20.38 -15.21 -0.49
CA LEU A 50 20.98 -16.51 -0.15
C LEU A 50 22.38 -16.35 0.43
N LEU A 56 24.67 -21.03 -4.24
CA LEU A 56 25.13 -20.76 -5.60
C LEU A 56 24.94 -21.99 -6.51
N LEU A 57 23.75 -22.09 -7.14
CA LEU A 57 23.35 -23.17 -8.06
C LEU A 57 22.32 -22.68 -9.07
N ASP A 58 22.38 -23.21 -10.31
CA ASP A 58 21.47 -22.86 -11.42
C ASP A 58 20.00 -22.95 -11.01
N SER A 59 19.61 -24.06 -10.33
CA SER A 59 18.25 -24.31 -9.85
C SER A 59 17.88 -23.37 -8.70
N GLU A 60 18.87 -23.04 -7.84
CA GLU A 60 18.73 -22.15 -6.69
C GLU A 60 18.44 -20.71 -7.15
N ARG A 61 19.15 -20.25 -8.22
CA ARG A 61 19.01 -18.93 -8.84
C ARG A 61 17.62 -18.80 -9.48
N LYS A 62 17.20 -19.84 -10.23
CA LYS A 62 15.92 -19.95 -10.93
C LYS A 62 14.73 -19.85 -9.98
N ASP A 63 14.87 -20.39 -8.74
CA ASP A 63 13.84 -20.35 -7.69
C ASP A 63 13.58 -18.94 -7.20
N VAL A 64 14.66 -18.15 -7.01
CA VAL A 64 14.60 -16.76 -6.57
C VAL A 64 13.89 -15.94 -7.67
N LEU A 65 14.29 -16.14 -8.94
CA LEU A 65 13.68 -15.44 -10.08
C LEU A 65 12.20 -15.79 -10.23
N ARG A 66 11.85 -17.07 -9.93
CA ARG A 66 10.48 -17.56 -9.95
C ARG A 66 9.65 -16.81 -8.89
N GLU A 67 10.18 -16.71 -7.63
CA GLU A 67 9.52 -15.98 -6.54
C GLU A 67 9.27 -14.51 -6.90
N ALA A 68 10.29 -13.82 -7.47
CA ALA A 68 10.21 -12.42 -7.87
C ALA A 68 9.16 -12.22 -8.96
N GLU A 69 9.08 -13.14 -9.92
CA GLU A 69 8.09 -13.15 -11.00
C GLU A 69 6.66 -13.28 -10.42
N ILE A 70 6.46 -14.24 -9.49
CA ILE A 70 5.18 -14.46 -8.83
C ILE A 70 4.74 -13.21 -8.06
N LEU A 71 5.64 -12.63 -7.23
CA LEU A 71 5.34 -11.41 -6.48
C LEU A 71 4.96 -10.24 -7.41
N HIS A 72 5.68 -10.09 -8.54
CA HIS A 72 5.46 -9.03 -9.51
C HIS A 72 4.13 -9.19 -10.23
N LYS A 73 3.79 -10.42 -10.63
CA LYS A 73 2.53 -10.72 -11.32
C LYS A 73 1.31 -10.71 -10.41
N ALA A 74 1.48 -11.13 -9.14
CA ALA A 74 0.39 -11.24 -8.16
C ALA A 74 0.17 -9.97 -7.32
N ARG A 75 0.63 -8.79 -7.80
CA ARG A 75 0.46 -7.49 -7.15
C ARG A 75 -0.98 -7.20 -6.83
N PHE A 76 -1.26 -6.83 -5.55
CA PHE A 76 -2.59 -6.54 -5.03
C PHE A 76 -2.42 -5.98 -3.63
N SER A 77 -3.46 -5.33 -3.10
CA SER A 77 -3.51 -4.64 -1.81
C SER A 77 -3.11 -5.48 -0.61
N TYR A 78 -3.23 -6.83 -0.69
CA TYR A 78 -2.96 -7.72 0.44
C TYR A 78 -1.85 -8.71 0.15
N ILE A 79 -1.03 -8.40 -0.86
CA ILE A 79 0.13 -9.17 -1.27
C ILE A 79 1.36 -8.32 -1.00
N LEU A 80 2.43 -8.93 -0.43
CA LEU A 80 3.69 -8.25 -0.18
C LEU A 80 4.19 -7.51 -1.44
N PRO A 81 4.30 -6.15 -1.39
CA PRO A 81 4.73 -5.43 -2.59
C PRO A 81 6.21 -5.57 -2.87
N ILE A 82 6.55 -6.10 -4.06
CA ILE A 82 7.94 -6.22 -4.53
C ILE A 82 8.36 -4.87 -5.14
N LEU A 83 9.58 -4.38 -4.81
CA LEU A 83 10.12 -3.12 -5.29
C LEU A 83 11.15 -3.32 -6.40
N GLY A 84 11.78 -4.49 -6.40
CA GLY A 84 12.80 -4.83 -7.38
C GLY A 84 13.57 -6.09 -7.08
N ILE A 85 14.52 -6.39 -7.98
CA ILE A 85 15.42 -7.54 -7.91
C ILE A 85 16.90 -7.10 -7.94
N CYS A 86 17.74 -7.78 -7.15
CA CYS A 86 19.19 -7.61 -7.14
C CYS A 86 19.69 -8.79 -7.93
N ASN A 87 20.16 -8.54 -9.16
CA ASN A 87 20.64 -9.62 -10.03
C ASN A 87 22.04 -9.29 -10.50
N GLU A 88 23.02 -9.69 -9.67
CA GLU A 88 24.45 -9.45 -9.87
C GLU A 88 25.26 -10.73 -9.68
N PRO A 89 26.53 -10.81 -10.16
CA PRO A 89 27.34 -12.02 -9.91
C PRO A 89 27.62 -12.19 -8.42
N GLU A 90 27.91 -11.05 -7.77
CA GLU A 90 28.20 -10.87 -6.36
C GLU A 90 26.99 -11.17 -5.44
N PHE A 91 25.76 -10.81 -5.87
CA PHE A 91 24.58 -10.94 -5.02
C PHE A 91 23.25 -11.16 -5.78
N LEU A 92 22.38 -12.06 -5.26
CA LEU A 92 21.05 -12.31 -5.80
C LEU A 92 19.98 -12.24 -4.70
N GLY A 93 19.08 -11.26 -4.81
CA GLY A 93 18.02 -11.06 -3.83
C GLY A 93 16.78 -10.33 -4.30
N ILE A 94 15.69 -10.49 -3.53
CA ILE A 94 14.38 -9.90 -3.79
C ILE A 94 14.17 -8.73 -2.82
N VAL A 95 13.91 -7.54 -3.38
CA VAL A 95 13.69 -6.32 -2.60
C VAL A 95 12.18 -6.03 -2.51
N THR A 96 11.68 -5.87 -1.29
CA THR A 96 10.26 -5.60 -1.06
C THR A 96 10.09 -4.42 -0.11
N GLU A 97 8.84 -4.04 0.14
CA GLU A 97 8.55 -3.02 1.15
C GLU A 97 8.88 -3.66 2.49
N TYR A 98 9.29 -2.84 3.45
CA TYR A 98 9.60 -3.32 4.80
C TYR A 98 8.30 -3.39 5.59
N MET A 99 8.07 -4.51 6.28
CA MET A 99 6.87 -4.69 7.10
C MET A 99 7.29 -4.43 8.56
N PRO A 100 7.04 -3.23 9.10
CA PRO A 100 7.60 -2.93 10.45
C PRO A 100 7.04 -3.75 11.59
N ASN A 101 5.86 -4.35 11.41
CA ASN A 101 5.22 -5.10 12.49
C ASN A 101 5.35 -6.59 12.38
N GLY A 102 6.32 -7.04 11.59
CA GLY A 102 6.66 -8.45 11.46
C GLY A 102 5.56 -9.35 10.97
N SER A 103 5.33 -10.46 11.68
CA SER A 103 4.37 -11.49 11.29
C SER A 103 3.21 -11.64 12.26
N LEU A 104 2.12 -12.23 11.76
CA LEU A 104 0.92 -12.56 12.55
C LEU A 104 1.29 -13.51 13.70
N ASN A 105 2.21 -14.45 13.44
CA ASN A 105 2.75 -15.37 14.43
C ASN A 105 3.29 -14.62 15.70
N GLU A 106 4.08 -13.55 15.49
CA GLU A 106 4.62 -12.72 16.55
C GLU A 106 3.50 -11.98 17.33
N LEU A 107 2.55 -11.38 16.61
CA LEU A 107 1.41 -10.70 17.23
C LEU A 107 0.57 -11.64 18.13
N LEU A 108 0.29 -12.88 17.64
CA LEU A 108 -0.51 -13.82 18.42
C LEU A 108 0.19 -14.44 19.61
N HIS A 109 1.49 -14.69 19.49
CA HIS A 109 2.17 -15.43 20.53
C HIS A 109 3.12 -14.63 21.43
N ARG A 110 3.43 -13.37 21.10
CA ARG A 110 4.25 -12.54 22.00
C ARG A 110 3.28 -11.79 22.94
N LYS A 111 2.73 -12.52 23.93
CA LYS A 111 1.72 -12.06 24.89
C LYS A 111 2.23 -11.04 25.92
N THR A 112 3.55 -10.94 26.15
CA THR A 112 4.02 -9.92 27.07
C THR A 112 4.10 -8.61 26.28
N GLU A 113 4.67 -8.67 25.05
CA GLU A 113 4.75 -7.55 24.13
C GLU A 113 3.34 -7.07 23.74
N TYR A 114 2.37 -8.01 23.56
CA TYR A 114 1.00 -7.69 23.17
C TYR A 114 -0.06 -8.34 24.07
N PRO A 115 -0.35 -7.78 25.27
CA PRO A 115 -1.36 -8.41 26.14
C PRO A 115 -2.77 -8.38 25.55
N ASP A 116 -3.10 -7.35 24.77
CA ASP A 116 -4.42 -7.25 24.15
C ASP A 116 -4.35 -7.10 22.66
N VAL A 117 -5.16 -7.90 21.96
CA VAL A 117 -5.30 -7.78 20.51
C VAL A 117 -6.80 -7.72 20.32
N ALA A 118 -7.35 -6.50 20.28
CA ALA A 118 -8.79 -6.28 20.18
C ALA A 118 -9.44 -7.01 19.01
N TRP A 119 -10.64 -7.56 19.27
CA TRP A 119 -11.43 -8.30 18.30
C TRP A 119 -11.55 -7.61 16.94
N PRO A 120 -11.87 -6.26 16.80
CA PRO A 120 -11.96 -5.66 15.45
C PRO A 120 -10.72 -5.93 14.60
N LEU A 121 -9.51 -5.80 15.21
CA LEU A 121 -8.25 -6.04 14.52
C LEU A 121 -8.07 -7.49 14.12
N ARG A 122 -8.37 -8.44 15.02
CA ARG A 122 -8.29 -9.89 14.71
C ARG A 122 -9.20 -10.22 13.52
N PHE A 123 -10.44 -9.68 13.50
CA PHE A 123 -11.38 -9.90 12.38
C PHE A 123 -10.92 -9.25 11.09
N ARG A 124 -10.33 -8.04 11.18
CA ARG A 124 -9.77 -7.35 9.99
C ARG A 124 -8.63 -8.16 9.37
N ILE A 125 -7.71 -8.69 10.21
CA ILE A 125 -6.62 -9.55 9.76
C ILE A 125 -7.16 -10.75 9.03
N LEU A 126 -8.17 -11.44 9.62
CA LEU A 126 -8.79 -12.62 8.99
C LEU A 126 -9.44 -12.31 7.65
N HIS A 127 -10.12 -11.17 7.57
CA HIS A 127 -10.73 -10.68 6.32
C HIS A 127 -9.67 -10.40 5.23
N GLU A 128 -8.55 -9.71 5.59
CA GLU A 128 -7.49 -9.38 4.62
C GLU A 128 -6.69 -10.61 4.14
N ILE A 129 -6.53 -11.63 4.99
CA ILE A 129 -5.90 -12.88 4.56
C ILE A 129 -6.82 -13.51 3.50
N ALA A 130 -8.14 -13.60 3.78
CA ALA A 130 -9.07 -14.20 2.82
C ALA A 130 -9.10 -13.41 1.50
N LEU A 131 -9.08 -12.05 1.58
CA LEU A 131 -9.05 -11.15 0.41
C LEU A 131 -7.80 -11.39 -0.46
N GLY A 132 -6.64 -11.54 0.19
CA GLY A 132 -5.38 -11.83 -0.49
C GLY A 132 -5.37 -13.19 -1.17
N VAL A 133 -5.77 -14.26 -0.46
CA VAL A 133 -5.82 -15.62 -1.03
C VAL A 133 -6.87 -15.73 -2.16
N ASN A 134 -8.03 -15.08 -1.97
CA ASN A 134 -9.10 -15.07 -2.99
C ASN A 134 -8.59 -14.47 -4.31
N TYR A 135 -7.83 -13.36 -4.20
CA TYR A 135 -7.24 -12.70 -5.35
C TYR A 135 -6.32 -13.66 -6.12
N LEU A 136 -5.42 -14.36 -5.40
CA LEU A 136 -4.52 -15.35 -5.99
C LEU A 136 -5.31 -16.40 -6.75
N HIS A 137 -6.39 -16.92 -6.11
CA HIS A 137 -7.27 -17.95 -6.71
C HIS A 137 -8.03 -17.45 -7.94
N ASN A 138 -8.26 -16.14 -8.05
CA ASN A 138 -9.01 -15.52 -9.15
C ASN A 138 -8.15 -15.09 -10.34
N MET A 139 -6.83 -15.32 -10.27
CA MET A 139 -5.88 -14.98 -11.34
C MET A 139 -6.02 -15.96 -12.52
N THR A 140 -5.49 -15.59 -13.68
CA THR A 140 -5.53 -16.44 -14.87
C THR A 140 -4.10 -16.84 -15.31
N PRO A 141 -3.66 -18.08 -15.04
CA PRO A 141 -4.38 -19.17 -14.35
C PRO A 141 -4.38 -18.96 -12.82
N PRO A 142 -5.21 -19.69 -12.03
CA PRO A 142 -5.22 -19.46 -10.57
C PRO A 142 -3.88 -19.76 -9.91
N LEU A 143 -3.47 -18.93 -8.97
CA LEU A 143 -2.25 -19.12 -8.21
C LEU A 143 -2.67 -19.69 -6.87
N LEU A 144 -2.12 -20.84 -6.50
CA LEU A 144 -2.45 -21.51 -5.24
C LEU A 144 -1.27 -21.34 -4.32
N HIS A 145 -1.47 -20.72 -3.13
CA HIS A 145 -0.39 -20.44 -2.19
C HIS A 145 0.34 -21.71 -1.75
N HIS A 146 -0.40 -22.65 -1.12
CA HIS A 146 0.05 -23.96 -0.68
C HIS A 146 1.11 -23.92 0.42
N ASP A 147 1.27 -22.78 1.09
CA ASP A 147 2.17 -22.66 2.23
C ASP A 147 1.76 -21.53 3.18
N LEU A 148 0.45 -21.37 3.37
CA LEU A 148 -0.08 -20.36 4.29
C LEU A 148 0.20 -20.76 5.73
N LYS A 149 0.78 -19.83 6.49
CA LYS A 149 1.10 -19.98 7.91
C LYS A 149 1.08 -18.62 8.53
N THR A 150 0.93 -18.55 9.88
CA THR A 150 0.94 -17.25 10.58
C THR A 150 2.30 -16.53 10.39
N GLN A 151 3.37 -17.29 10.15
CA GLN A 151 4.75 -16.81 9.95
C GLN A 151 4.92 -16.01 8.66
N ASN A 152 4.11 -16.30 7.59
CA ASN A 152 4.26 -15.58 6.34
C ASN A 152 3.08 -14.61 6.02
N ILE A 153 2.30 -14.26 7.05
CA ILE A 153 1.26 -13.23 7.03
C ILE A 153 1.97 -12.07 7.69
N LEU A 154 2.47 -11.14 6.87
CA LEU A 154 3.21 -9.98 7.36
C LEU A 154 2.29 -8.81 7.66
N LEU A 155 2.73 -7.95 8.58
CA LEU A 155 1.95 -6.81 9.06
C LEU A 155 2.62 -5.48 8.79
N ASP A 156 1.95 -4.59 8.06
CA ASP A 156 2.53 -3.27 7.74
C ASP A 156 2.46 -2.31 8.95
N ASN A 157 2.84 -1.03 8.73
CA ASN A 157 2.88 -0.03 9.80
C ASN A 157 1.51 0.20 10.51
N GLU A 158 0.38 -0.09 9.82
CA GLU A 158 -0.94 0.07 10.44
C GLU A 158 -1.64 -1.25 10.65
N PHE A 159 -0.82 -2.36 10.73
CA PHE A 159 -1.28 -3.73 10.96
C PHE A 159 -2.24 -4.24 9.87
N HIS A 160 -2.02 -3.80 8.62
CA HIS A 160 -2.74 -4.34 7.46
C HIS A 160 -1.93 -5.52 6.97
N VAL A 161 -2.61 -6.51 6.44
CA VAL A 161 -2.01 -7.79 6.01
C VAL A 161 -1.30 -7.72 4.65
N LYS A 162 -0.15 -8.39 4.56
CA LYS A 162 0.59 -8.61 3.31
C LYS A 162 1.00 -10.06 3.29
N ILE A 163 0.46 -10.83 2.36
CA ILE A 163 0.82 -12.25 2.24
C ILE A 163 2.17 -12.37 1.51
N ALA A 164 3.07 -13.19 2.05
CA ALA A 164 4.40 -13.46 1.49
C ALA A 164 4.58 -14.98 1.31
N ASP A 165 5.78 -15.40 0.84
CA ASP A 165 6.24 -16.79 0.62
C ASP A 165 5.50 -17.52 -0.47
N PHE A 166 5.98 -17.31 -1.68
CA PHE A 166 5.47 -17.95 -2.89
C PHE A 166 6.48 -19.01 -3.47
N GLY A 167 7.25 -19.61 -2.55
CA GLY A 167 8.19 -20.68 -2.85
C GLY A 167 7.49 -21.97 -3.24
N LEU A 168 6.44 -22.35 -2.46
CA LEU A 168 5.62 -23.54 -2.72
C LEU A 168 4.38 -23.21 -3.57
N SER A 169 4.17 -21.89 -3.87
CA SER A 169 3.00 -21.42 -4.61
C SER A 169 3.02 -21.83 -6.06
N LYS A 170 2.01 -22.64 -6.48
CA LYS A 170 1.92 -23.14 -7.84
C LYS A 170 0.73 -22.59 -8.64
N TRP A 171 0.93 -22.44 -9.96
CA TRP A 171 -0.03 -21.98 -10.96
C TRP A 171 -0.90 -23.18 -11.39
N ARG A 172 -2.24 -23.09 -11.18
CA ARG A 172 -3.20 -24.13 -11.53
C ARG A 172 -3.33 -24.34 -13.05
N GLY A 188 11.31 -29.81 5.08
CA GLY A 188 10.34 -28.71 5.17
C GLY A 188 10.29 -28.02 6.52
N GLY A 189 9.10 -27.48 6.85
CA GLY A 189 8.85 -26.76 8.10
C GLY A 189 7.68 -27.32 8.90
N THR A 190 6.71 -26.45 9.25
CA THR A 190 5.54 -26.78 10.05
C THR A 190 4.41 -27.42 9.23
N ILE A 191 3.91 -28.55 9.74
CA ILE A 191 2.82 -29.32 9.13
C ILE A 191 1.42 -29.01 9.69
N ILE A 192 1.29 -28.12 10.69
CA ILE A 192 0.00 -27.82 11.33
C ILE A 192 -1.04 -27.17 10.38
N TYR A 193 -0.57 -26.54 9.29
CA TYR A 193 -1.47 -25.90 8.34
C TYR A 193 -1.70 -26.75 7.08
N MET A 194 -1.20 -27.97 7.07
CA MET A 194 -1.28 -28.90 5.95
C MET A 194 -2.47 -29.88 6.05
N PRO A 195 -3.36 -29.90 5.00
CA PRO A 195 -4.49 -30.86 5.01
C PRO A 195 -4.00 -32.31 5.02
N PRO A 196 -4.76 -33.25 5.64
CA PRO A 196 -4.28 -34.65 5.76
C PRO A 196 -3.96 -35.34 4.44
N GLU A 197 -4.69 -34.99 3.36
CA GLU A 197 -4.48 -35.61 2.05
C GLU A 197 -3.14 -35.23 1.42
N ASN A 198 -2.50 -34.15 1.90
CA ASN A 198 -1.26 -33.65 1.32
C ASN A 198 0.01 -34.37 1.81
N TYR A 199 -0.10 -35.21 2.86
CA TYR A 199 1.01 -35.93 3.48
C TYR A 199 1.79 -36.80 2.50
N GLU A 200 1.05 -37.50 1.64
CA GLU A 200 1.58 -38.37 0.60
C GLU A 200 0.99 -37.80 -0.69
N PRO A 201 1.72 -36.90 -1.39
CA PRO A 201 1.12 -36.24 -2.56
C PRO A 201 0.99 -37.09 -3.83
N SER A 208 -4.57 -29.43 -5.96
CA SER A 208 -5.76 -29.29 -5.11
C SER A 208 -6.06 -27.84 -4.86
N ILE A 209 -7.29 -27.41 -5.20
CA ILE A 209 -7.73 -26.04 -4.97
C ILE A 209 -8.38 -25.92 -3.56
N LYS A 210 -8.30 -27.00 -2.73
CA LYS A 210 -8.88 -27.00 -1.38
C LYS A 210 -7.82 -27.07 -0.23
N HIS A 211 -6.51 -26.84 -0.52
CA HIS A 211 -5.42 -26.80 0.46
C HIS A 211 -5.43 -25.48 1.28
N ASP A 212 -5.41 -24.32 0.58
CA ASP A 212 -5.34 -23.01 1.23
C ASP A 212 -6.44 -22.73 2.27
N ILE A 213 -7.68 -23.20 2.00
CA ILE A 213 -8.83 -23.05 2.90
C ILE A 213 -8.61 -23.82 4.21
N TYR A 214 -7.98 -25.00 4.12
CA TYR A 214 -7.64 -25.81 5.30
C TYR A 214 -6.69 -25.01 6.19
N SER A 215 -5.59 -24.47 5.59
CA SER A 215 -4.57 -23.65 6.26
C SER A 215 -5.23 -22.46 6.92
N TYR A 216 -6.12 -21.81 6.16
CA TYR A 216 -6.92 -20.66 6.62
C TYR A 216 -7.78 -21.01 7.84
N ALA A 217 -8.39 -22.20 7.85
CA ALA A 217 -9.22 -22.65 8.98
C ALA A 217 -8.38 -22.76 10.30
N VAL A 218 -7.14 -23.30 10.19
CA VAL A 218 -6.19 -23.41 11.30
C VAL A 218 -5.75 -22.00 11.74
N ILE A 219 -5.42 -21.11 10.78
CA ILE A 219 -5.04 -19.72 11.09
C ILE A 219 -6.17 -19.02 11.84
N THR A 220 -7.44 -19.21 11.42
CA THR A 220 -8.62 -18.62 12.06
C THR A 220 -8.71 -19.05 13.52
N TRP A 221 -8.54 -20.36 13.78
CA TRP A 221 -8.55 -20.97 15.12
C TRP A 221 -7.46 -20.34 15.97
N GLU A 222 -6.26 -20.21 15.39
CA GLU A 222 -5.07 -19.66 16.03
C GLU A 222 -5.23 -18.19 16.35
N VAL A 223 -5.85 -17.42 15.43
CA VAL A 223 -6.12 -15.99 15.66
C VAL A 223 -7.13 -15.81 16.81
N LEU A 224 -8.21 -16.60 16.83
CA LEU A 224 -9.27 -16.41 17.83
C LEU A 224 -8.95 -16.96 19.21
N SER A 225 -8.05 -17.93 19.29
CA SER A 225 -7.64 -18.55 20.53
C SER A 225 -6.35 -17.99 21.11
N ARG A 226 -5.42 -17.51 20.25
CA ARG A 226 -4.04 -17.12 20.59
C ARG A 226 -3.27 -18.32 21.20
N LYS A 227 -3.70 -19.55 20.90
CA LYS A 227 -3.06 -20.78 21.37
C LYS A 227 -2.32 -21.41 20.22
N GLN A 228 -1.33 -22.25 20.56
CA GLN A 228 -0.59 -23.03 19.58
C GLN A 228 -1.45 -24.24 19.21
N PRO A 229 -1.77 -24.43 17.91
CA PRO A 229 -2.55 -25.63 17.52
C PRO A 229 -1.82 -26.89 17.96
N PHE A 230 -2.53 -27.84 18.62
CA PHE A 230 -1.99 -29.12 19.15
C PHE A 230 -0.86 -28.96 20.19
N GLU A 231 -0.88 -27.87 20.97
CA GLU A 231 0.10 -27.47 22.00
C GLU A 231 0.61 -28.61 22.92
N ASP A 232 -0.24 -29.59 23.24
CA ASP A 232 0.09 -30.71 24.13
C ASP A 232 0.77 -31.90 23.41
N VAL A 233 1.15 -31.73 22.13
CA VAL A 233 1.81 -32.76 21.33
C VAL A 233 3.34 -32.56 21.27
N THR A 234 4.09 -33.63 21.64
CA THR A 234 5.55 -33.67 21.74
C THR A 234 6.29 -34.04 20.42
N ASN A 235 5.57 -34.52 19.41
CA ASN A 235 6.16 -34.93 18.15
C ASN A 235 5.30 -34.52 16.97
N PRO A 236 5.85 -33.88 15.90
CA PRO A 236 4.99 -33.50 14.74
C PRO A 236 4.30 -34.68 14.03
N LEU A 237 4.86 -35.91 14.16
CA LEU A 237 4.29 -37.15 13.61
C LEU A 237 2.97 -37.49 14.32
N GLN A 238 2.89 -37.16 15.65
CA GLN A 238 1.66 -37.34 16.45
C GLN A 238 0.57 -36.37 15.96
N ILE A 239 0.97 -35.20 15.44
CA ILE A 239 0.00 -34.26 14.88
C ILE A 239 -0.55 -34.87 13.58
N MET A 240 0.35 -35.30 12.68
CA MET A 240 0.04 -35.90 11.39
C MET A 240 -0.87 -37.12 11.52
N TYR A 241 -0.61 -37.97 12.52
CA TYR A 241 -1.42 -39.15 12.77
C TYR A 241 -2.80 -38.68 13.23
N SER A 242 -2.88 -37.74 14.21
CA SER A 242 -4.14 -37.19 14.69
C SER A 242 -4.98 -36.60 13.56
N VAL A 243 -4.37 -35.74 12.73
CA VAL A 243 -5.05 -35.09 11.61
C VAL A 243 -5.58 -36.12 10.59
N SER A 244 -4.77 -37.16 10.26
CA SER A 244 -5.20 -38.19 9.33
C SER A 244 -6.43 -38.97 9.82
N GLN A 245 -6.64 -39.00 11.17
CA GLN A 245 -7.76 -39.66 11.87
C GLN A 245 -8.98 -38.72 12.08
N GLY A 246 -8.92 -37.50 11.54
CA GLY A 246 -9.99 -36.50 11.60
C GLY A 246 -10.01 -35.60 12.81
N HIS A 247 -8.98 -35.69 13.68
CA HIS A 247 -8.83 -34.88 14.89
C HIS A 247 -8.21 -33.53 14.53
N ARG A 248 -8.66 -32.48 15.21
CA ARG A 248 -8.25 -31.09 14.90
C ARG A 248 -7.96 -30.33 16.17
N PRO A 249 -7.36 -29.09 16.11
CA PRO A 249 -7.20 -28.29 17.34
C PRO A 249 -8.53 -28.20 18.10
N VAL A 250 -8.48 -28.22 19.44
CA VAL A 250 -9.70 -28.28 20.25
C VAL A 250 -10.54 -27.04 20.16
N ILE A 251 -11.84 -27.26 20.08
CA ILE A 251 -12.86 -26.23 20.07
C ILE A 251 -13.69 -26.46 21.33
N ASN A 252 -13.47 -25.63 22.34
CA ASN A 252 -14.20 -25.64 23.61
C ASN A 252 -14.16 -24.24 24.24
N GLU A 253 -14.70 -24.09 25.48
CA GLU A 253 -14.75 -22.83 26.22
C GLU A 253 -13.36 -22.31 26.59
N GLU A 254 -12.40 -23.22 26.82
CA GLU A 254 -11.03 -22.89 27.20
C GLU A 254 -10.26 -22.29 26.02
N SER A 255 -10.34 -22.91 24.82
CA SER A 255 -9.62 -22.45 23.62
C SER A 255 -10.34 -21.30 22.95
N LEU A 256 -11.67 -21.43 22.80
CA LEU A 256 -12.50 -20.39 22.19
C LEU A 256 -13.56 -19.93 23.19
N PRO A 257 -13.25 -18.92 24.02
CA PRO A 257 -14.22 -18.46 25.04
C PRO A 257 -15.56 -18.01 24.49
N TYR A 258 -16.62 -18.12 25.31
CA TYR A 258 -17.98 -17.79 24.90
C TYR A 258 -18.20 -16.29 24.60
N ASP A 259 -17.28 -15.41 25.04
CA ASP A 259 -17.36 -13.96 24.84
C ASP A 259 -16.87 -13.49 23.45
N ILE A 260 -16.30 -14.40 22.60
CA ILE A 260 -15.80 -14.04 21.26
C ILE A 260 -16.96 -13.51 20.41
N PRO A 261 -16.85 -12.32 19.80
CA PRO A 261 -17.90 -11.87 18.86
C PRO A 261 -18.12 -12.90 17.75
N HIS A 262 -19.40 -13.17 17.39
CA HIS A 262 -19.79 -14.06 16.30
C HIS A 262 -19.16 -15.47 16.41
N ARG A 263 -19.02 -15.96 17.65
CA ARG A 263 -18.39 -17.24 17.98
C ARG A 263 -18.97 -18.41 17.18
N ALA A 264 -20.31 -18.58 17.15
CA ALA A 264 -20.96 -19.67 16.42
C ALA A 264 -20.64 -19.64 14.92
N ARG A 265 -20.72 -18.47 14.30
CA ARG A 265 -20.41 -18.33 12.89
C ARG A 265 -18.94 -18.66 12.54
N MET A 266 -18.00 -18.22 13.42
CA MET A 266 -16.57 -18.42 13.26
C MET A 266 -16.22 -19.90 13.40
N ILE A 267 -16.83 -20.58 14.39
CA ILE A 267 -16.67 -22.02 14.63
C ILE A 267 -17.15 -22.82 13.40
N SER A 268 -18.31 -22.44 12.84
CA SER A 268 -18.88 -23.03 11.63
C SER A 268 -17.90 -22.93 10.44
N LEU A 269 -17.29 -21.74 10.25
CA LEU A 269 -16.34 -21.46 9.19
C LEU A 269 -15.08 -22.31 9.36
N ILE A 270 -14.53 -22.34 10.59
CA ILE A 270 -13.36 -23.15 10.95
C ILE A 270 -13.61 -24.63 10.61
N GLU A 271 -14.71 -25.19 11.14
CA GLU A 271 -15.06 -26.61 10.97
C GLU A 271 -15.34 -27.01 9.53
N SER A 272 -15.94 -26.12 8.71
CA SER A 272 -16.15 -26.45 7.29
C SER A 272 -14.79 -26.36 6.53
N GLY A 273 -14.00 -25.32 6.82
CA GLY A 273 -12.68 -25.07 6.25
C GLY A 273 -11.66 -26.19 6.45
N TRP A 274 -11.66 -26.85 7.64
CA TRP A 274 -10.71 -27.94 7.91
C TRP A 274 -11.36 -29.32 7.84
N ALA A 275 -12.48 -29.46 7.13
CA ALA A 275 -13.18 -30.76 6.99
C ALA A 275 -12.24 -31.83 6.39
N GLN A 276 -12.38 -33.09 6.84
CA GLN A 276 -11.60 -34.22 6.33
C GLN A 276 -11.77 -34.37 4.82
N ASN A 277 -13.04 -34.28 4.33
CA ASN A 277 -13.38 -34.35 2.93
C ASN A 277 -13.10 -32.97 2.29
N PRO A 278 -12.11 -32.86 1.36
CA PRO A 278 -11.85 -31.56 0.71
C PRO A 278 -13.06 -30.93 0.02
N ASP A 279 -13.92 -31.77 -0.60
CA ASP A 279 -15.14 -31.37 -1.31
C ASP A 279 -16.10 -30.60 -0.43
N GLU A 280 -16.02 -30.77 0.89
CA GLU A 280 -16.86 -30.10 1.88
C GLU A 280 -16.30 -28.75 2.34
N ARG A 281 -15.08 -28.40 1.93
CA ARG A 281 -14.45 -27.16 2.34
C ARG A 281 -14.94 -26.04 1.45
N PRO A 282 -15.22 -24.85 1.99
CA PRO A 282 -15.74 -23.79 1.11
C PRO A 282 -14.67 -23.12 0.22
N SER A 283 -15.13 -22.39 -0.81
CA SER A 283 -14.28 -21.58 -1.66
C SER A 283 -14.00 -20.29 -0.85
N PHE A 284 -12.99 -19.49 -1.22
CA PHE A 284 -12.71 -18.21 -0.56
C PHE A 284 -13.82 -17.20 -0.82
N LEU A 285 -14.51 -17.31 -1.96
CA LEU A 285 -15.67 -16.48 -2.24
C LEU A 285 -16.75 -16.67 -1.12
N LYS A 286 -17.11 -17.95 -0.84
CA LYS A 286 -18.09 -18.32 0.17
C LYS A 286 -17.64 -17.82 1.54
N CYS A 287 -16.37 -18.04 1.86
CA CYS A 287 -15.74 -17.58 3.08
C CYS A 287 -15.86 -16.05 3.25
N LEU A 288 -15.60 -15.29 2.17
CA LEU A 288 -15.72 -13.85 2.17
C LEU A 288 -17.15 -13.34 2.35
N ILE A 289 -18.13 -14.00 1.72
CA ILE A 289 -19.56 -13.67 1.83
C ILE A 289 -20.06 -13.89 3.30
N GLU A 290 -19.49 -14.89 3.99
CA GLU A 290 -19.70 -15.22 5.40
C GLU A 290 -19.11 -14.13 6.30
N LEU A 291 -17.87 -13.64 6.01
CA LEU A 291 -17.15 -12.64 6.79
C LEU A 291 -17.63 -11.21 6.62
N GLU A 292 -18.11 -10.83 5.42
CA GLU A 292 -18.56 -9.47 5.12
C GLU A 292 -19.58 -8.91 6.14
N PRO A 293 -20.68 -9.60 6.51
CA PRO A 293 -21.59 -9.02 7.51
C PRO A 293 -20.97 -8.90 8.91
N VAL A 294 -20.03 -9.78 9.25
CA VAL A 294 -19.29 -9.76 10.51
C VAL A 294 -18.43 -8.46 10.60
N LEU A 295 -17.72 -8.14 9.50
CA LEU A 295 -16.86 -6.97 9.44
C LEU A 295 -17.60 -5.68 9.47
N ARG A 296 -18.83 -5.67 8.94
CA ARG A 296 -19.69 -4.48 8.93
C ARG A 296 -20.19 -4.05 10.31
N THR A 297 -20.15 -4.96 11.31
CA THR A 297 -20.60 -4.68 12.68
C THR A 297 -19.56 -3.84 13.47
N PHE A 298 -18.34 -3.66 12.93
CA PHE A 298 -17.26 -2.90 13.56
C PHE A 298 -17.13 -1.51 12.91
N GLU A 299 -17.23 -0.45 13.72
CA GLU A 299 -17.02 0.93 13.24
C GLU A 299 -15.53 1.14 12.91
N GLU A 300 -15.21 1.96 11.91
CA GLU A 300 -13.85 2.19 11.46
C GLU A 300 -12.86 2.63 12.55
N ILE A 301 -13.31 3.45 13.51
CA ILE A 301 -12.46 3.98 14.56
C ILE A 301 -11.93 2.87 15.51
N THR A 302 -12.70 1.76 15.67
CA THR A 302 -12.34 0.65 16.54
C THR A 302 -11.08 -0.04 16.06
N PHE A 303 -10.83 -0.05 14.72
CA PHE A 303 -9.61 -0.64 14.13
C PHE A 303 -8.42 0.23 14.52
N LEU A 304 -8.58 1.57 14.45
CA LEU A 304 -7.55 2.52 14.83
C LEU A 304 -7.20 2.45 16.30
N GLU A 305 -8.21 2.30 17.15
CA GLU A 305 -8.07 2.20 18.62
C GLU A 305 -7.40 0.89 19.01
N ALA A 306 -7.63 -0.20 18.23
CA ALA A 306 -6.99 -1.50 18.46
C ALA A 306 -5.49 -1.40 18.21
N VAL A 307 -5.10 -0.68 17.16
CA VAL A 307 -3.70 -0.45 16.75
C VAL A 307 -2.97 0.43 17.75
N ILE A 308 -3.56 1.57 18.16
CA ILE A 308 -2.96 2.46 19.16
C ILE A 308 -2.73 1.73 20.49
N GLN A 309 -3.62 0.77 20.86
CA GLN A 309 -3.48 -0.03 22.07
C GLN A 309 -2.22 -0.92 22.00
N LEU A 310 -1.80 -1.31 20.80
CA LEU A 310 -0.58 -2.10 20.55
C LEU A 310 0.74 -1.31 20.71
N LYS A 311 0.73 0.01 20.44
CA LYS A 311 1.90 0.91 20.50
C LYS A 311 2.35 1.25 21.91
N ALA B 6 14.07 -8.58 -17.18
CA ALA B 6 13.14 -9.07 -18.20
C ALA B 6 11.78 -9.51 -17.61
N ILE B 7 11.61 -9.36 -16.27
CA ILE B 7 10.39 -9.75 -15.55
C ILE B 7 9.25 -8.76 -15.88
N CYS B 8 8.22 -9.22 -16.64
CA CYS B 8 7.08 -8.40 -17.07
C CYS B 8 5.73 -8.83 -16.46
N SER B 9 4.96 -7.83 -15.97
CA SER B 9 3.63 -8.02 -15.37
C SER B 9 2.59 -7.32 -16.24
N ALA B 10 1.52 -8.03 -16.60
CA ALA B 10 0.45 -7.46 -17.43
C ALA B 10 -0.64 -6.90 -16.56
N LEU B 11 -1.25 -5.78 -17.00
CA LEU B 11 -2.36 -5.16 -16.27
C LEU B 11 -3.66 -5.95 -16.57
N PRO B 12 -4.39 -6.41 -15.53
CA PRO B 12 -5.63 -7.16 -15.80
C PRO B 12 -6.70 -6.32 -16.48
N THR B 13 -7.51 -6.97 -17.34
CA THR B 13 -8.67 -6.35 -17.99
C THR B 13 -9.88 -6.72 -17.12
N ILE B 14 -10.65 -5.73 -16.71
CA ILE B 14 -11.79 -5.95 -15.84
C ILE B 14 -13.07 -5.77 -16.65
N PRO B 15 -13.92 -6.80 -16.74
CA PRO B 15 -15.22 -6.62 -17.42
C PRO B 15 -16.06 -5.64 -16.58
N TYR B 16 -16.71 -4.68 -17.25
CA TYR B 16 -17.54 -3.66 -16.64
C TYR B 16 -18.64 -4.26 -15.74
N HIS B 17 -19.16 -5.44 -16.14
CA HIS B 17 -20.22 -6.12 -15.42
C HIS B 17 -19.73 -6.71 -14.07
N LYS B 18 -18.41 -6.74 -13.81
CA LYS B 18 -17.81 -7.21 -12.53
C LYS B 18 -17.75 -6.10 -11.46
N LEU B 19 -18.11 -4.86 -11.85
CA LEU B 19 -18.17 -3.70 -10.99
C LEU B 19 -19.61 -3.52 -10.50
N ALA B 20 -19.85 -3.80 -9.21
CA ALA B 20 -21.19 -3.67 -8.59
C ALA B 20 -21.24 -2.38 -7.77
N ASP B 21 -22.46 -1.92 -7.41
CA ASP B 21 -22.72 -0.70 -6.61
C ASP B 21 -21.97 0.53 -7.14
N LEU B 22 -22.00 0.75 -8.46
CA LEU B 22 -21.31 1.86 -9.09
C LEU B 22 -22.04 3.18 -8.72
N ARG B 23 -21.35 4.08 -8.00
CA ARG B 23 -21.89 5.36 -7.50
C ARG B 23 -20.97 6.52 -7.86
N TYR B 24 -21.54 7.60 -8.43
CA TYR B 24 -20.83 8.84 -8.84
C TYR B 24 -20.12 9.49 -7.65
N LEU B 25 -18.85 9.87 -7.84
CA LEU B 25 -18.07 10.56 -6.82
C LEU B 25 -17.85 12.01 -7.23
N SER B 26 -17.29 12.23 -8.42
CA SER B 26 -16.98 13.54 -8.96
C SER B 26 -16.86 13.52 -10.50
N ARG B 27 -16.88 14.71 -11.10
CA ARG B 27 -16.70 14.93 -12.54
C ARG B 27 -15.61 15.99 -12.68
N GLY B 28 -14.60 15.66 -13.48
CA GLY B 28 -13.47 16.55 -13.72
C GLY B 28 -13.13 16.65 -15.19
N ALA B 29 -11.97 17.29 -15.51
CA ALA B 29 -11.48 17.43 -16.88
C ALA B 29 -11.05 16.07 -17.43
N SER B 30 -10.38 15.25 -16.57
CA SER B 30 -9.87 13.90 -16.85
C SER B 30 -11.01 12.90 -17.13
N GLY B 31 -12.18 13.15 -16.52
CA GLY B 31 -13.37 12.33 -16.64
C GLY B 31 -14.14 12.17 -15.34
N THR B 32 -15.15 11.29 -15.34
CA THR B 32 -15.96 11.00 -14.17
C THR B 32 -15.29 9.94 -13.26
N VAL B 33 -15.29 10.18 -11.93
CA VAL B 33 -14.79 9.21 -10.94
C VAL B 33 -16.01 8.61 -10.21
N SER B 34 -16.05 7.28 -10.09
CA SER B 34 -17.13 6.58 -9.39
C SER B 34 -16.49 5.60 -8.46
N SER B 35 -17.20 5.23 -7.39
CA SER B 35 -16.78 4.16 -6.48
C SER B 35 -17.58 2.92 -6.90
N ALA B 36 -17.07 1.72 -6.57
CA ALA B 36 -17.74 0.45 -6.88
C ALA B 36 -17.09 -0.62 -6.03
N ARG B 37 -17.60 -1.84 -6.11
CA ARG B 37 -17.00 -3.02 -5.47
C ARG B 37 -16.79 -4.06 -6.59
N HIS B 38 -15.62 -4.72 -6.59
CA HIS B 38 -15.33 -5.79 -7.56
C HIS B 38 -16.06 -7.05 -7.08
N ALA B 39 -16.96 -7.60 -7.91
CA ALA B 39 -17.81 -8.76 -7.54
C ALA B 39 -17.06 -10.05 -7.22
N ASP B 40 -15.87 -10.25 -7.83
CA ASP B 40 -15.06 -11.45 -7.61
C ASP B 40 -14.00 -11.23 -6.52
N TRP B 41 -13.34 -10.06 -6.55
CA TRP B 41 -12.24 -9.71 -5.62
C TRP B 41 -12.73 -9.26 -4.23
N ARG B 42 -13.99 -8.80 -4.13
CA ARG B 42 -14.63 -8.42 -2.87
C ARG B 42 -13.97 -7.23 -2.17
N VAL B 43 -13.52 -6.29 -2.96
CA VAL B 43 -12.88 -5.06 -2.47
C VAL B 43 -13.58 -3.87 -3.09
N GLN B 44 -13.47 -2.69 -2.43
CA GLN B 44 -13.98 -1.42 -2.95
C GLN B 44 -12.96 -0.94 -3.97
N VAL B 45 -13.42 -0.29 -5.03
CA VAL B 45 -12.51 0.24 -6.04
C VAL B 45 -12.98 1.65 -6.41
N ALA B 46 -12.10 2.42 -7.11
CA ALA B 46 -12.45 3.70 -7.76
C ALA B 46 -12.30 3.47 -9.26
N VAL B 47 -13.19 4.08 -10.05
CA VAL B 47 -13.23 3.95 -11.53
C VAL B 47 -13.23 5.36 -12.13
N LYS B 48 -12.18 5.70 -12.92
CA LYS B 48 -12.11 6.95 -13.68
C LYS B 48 -12.52 6.58 -15.11
N HIS B 49 -13.64 7.15 -15.61
CA HIS B 49 -14.21 6.88 -16.93
C HIS B 49 -14.66 8.15 -17.66
N LEU B 50 -15.26 7.99 -18.87
CA LEU B 50 -15.77 9.11 -19.69
C LEU B 50 -17.29 9.01 -19.87
N ARG B 61 -9.59 8.04 -26.24
CA ARG B 61 -9.30 6.66 -25.83
C ARG B 61 -7.82 6.52 -25.45
N LYS B 62 -6.91 6.89 -26.37
CA LYS B 62 -5.45 6.82 -26.26
C LYS B 62 -4.92 7.44 -24.97
N ASP B 63 -5.59 8.50 -24.48
CA ASP B 63 -5.22 9.23 -23.25
C ASP B 63 -5.60 8.47 -21.96
N VAL B 64 -6.65 7.63 -22.02
CA VAL B 64 -7.07 6.80 -20.88
C VAL B 64 -6.05 5.66 -20.74
N LEU B 65 -5.68 5.05 -21.89
CA LEU B 65 -4.71 3.96 -21.96
C LEU B 65 -3.29 4.42 -21.58
N ARG B 66 -2.93 5.66 -21.96
CA ARG B 66 -1.64 6.23 -21.63
C ARG B 66 -1.54 6.39 -20.10
N GLU B 67 -2.58 6.95 -19.46
CA GLU B 67 -2.61 7.10 -18.01
C GLU B 67 -2.53 5.71 -17.29
N ALA B 68 -3.24 4.69 -17.79
CA ALA B 68 -3.19 3.34 -17.22
C ALA B 68 -1.75 2.78 -17.29
N GLU B 69 -1.10 2.90 -18.46
CA GLU B 69 0.28 2.50 -18.71
C GLU B 69 1.25 3.18 -17.70
N ILE B 70 1.12 4.50 -17.53
CA ILE B 70 1.96 5.26 -16.61
C ILE B 70 1.76 4.78 -15.18
N LEU B 71 0.49 4.65 -14.73
CA LEU B 71 0.17 4.14 -13.39
C LEU B 71 0.75 2.74 -13.16
N HIS B 72 0.65 1.85 -14.15
CA HIS B 72 1.13 0.48 -14.10
C HIS B 72 2.66 0.42 -14.01
N LYS B 73 3.36 1.23 -14.83
CA LYS B 73 4.81 1.28 -14.85
C LYS B 73 5.43 2.00 -13.62
N ALA B 74 4.73 3.04 -13.11
CA ALA B 74 5.22 3.85 -11.99
C ALA B 74 4.78 3.37 -10.60
N ARG B 75 4.42 2.07 -10.46
CA ARG B 75 4.00 1.44 -9.20
C ARG B 75 5.05 1.64 -8.10
N PHE B 76 4.59 2.13 -6.92
CA PHE B 76 5.42 2.45 -5.76
C PHE B 76 4.50 2.77 -4.61
N SER B 77 5.02 2.70 -3.38
CA SER B 77 4.31 2.91 -2.11
C SER B 77 3.52 4.20 -2.00
N TYR B 78 3.90 5.25 -2.75
CA TYR B 78 3.26 6.58 -2.66
C TYR B 78 2.62 7.02 -3.98
N ILE B 79 2.37 6.03 -4.86
CA ILE B 79 1.70 6.23 -6.14
C ILE B 79 0.38 5.49 -6.09
N LEU B 80 -0.71 6.11 -6.58
CA LEU B 80 -2.03 5.49 -6.63
C LEU B 80 -1.95 4.09 -7.29
N PRO B 81 -2.30 3.02 -6.55
CA PRO B 81 -2.20 1.66 -7.13
C PRO B 81 -3.33 1.36 -8.11
N ILE B 82 -2.95 1.06 -9.37
CA ILE B 82 -3.90 0.67 -10.42
C ILE B 82 -4.19 -0.85 -10.27
N LEU B 83 -5.49 -1.24 -10.37
CA LEU B 83 -5.94 -2.64 -10.23
C LEU B 83 -6.25 -3.27 -11.59
N GLY B 84 -6.59 -2.43 -12.55
CA GLY B 84 -6.93 -2.89 -13.88
C GLY B 84 -7.53 -1.83 -14.76
N ILE B 85 -7.87 -2.24 -15.99
CA ILE B 85 -8.48 -1.42 -17.03
C ILE B 85 -9.80 -2.03 -17.51
N CYS B 86 -10.79 -1.19 -17.79
CA CYS B 86 -12.06 -1.55 -18.40
C CYS B 86 -11.91 -1.13 -19.82
N ASN B 87 -11.78 -2.10 -20.73
CA ASN B 87 -11.61 -1.80 -22.15
C ASN B 87 -12.65 -2.57 -22.96
N GLU B 88 -13.82 -1.94 -23.12
CA GLU B 88 -15.00 -2.47 -23.80
C GLU B 88 -15.57 -1.46 -24.79
N PRO B 89 -16.42 -1.88 -25.77
CA PRO B 89 -17.03 -0.90 -26.69
C PRO B 89 -17.95 0.06 -25.93
N GLU B 90 -18.71 -0.53 -24.99
CA GLU B 90 -19.68 0.09 -24.10
C GLU B 90 -19.02 1.05 -23.08
N PHE B 91 -17.82 0.71 -22.55
CA PHE B 91 -17.19 1.49 -21.49
C PHE B 91 -15.66 1.43 -21.47
N LEU B 92 -15.02 2.59 -21.20
CA LEU B 92 -13.56 2.68 -21.06
C LEU B 92 -13.18 3.42 -19.76
N GLY B 93 -12.50 2.71 -18.86
CA GLY B 93 -12.12 3.29 -17.57
C GLY B 93 -10.92 2.66 -16.88
N ILE B 94 -10.34 3.40 -15.92
CA ILE B 94 -9.19 2.98 -15.11
C ILE B 94 -9.70 2.62 -13.71
N VAL B 95 -9.39 1.38 -13.29
CA VAL B 95 -9.77 0.89 -11.97
C VAL B 95 -8.56 0.94 -11.01
N THR B 96 -8.74 1.58 -9.86
CA THR B 96 -7.68 1.71 -8.86
C THR B 96 -8.19 1.34 -7.48
N GLU B 97 -7.28 1.35 -6.48
CA GLU B 97 -7.70 1.18 -5.08
C GLU B 97 -8.52 2.41 -4.72
N TYR B 98 -9.48 2.23 -3.84
CA TYR B 98 -10.33 3.31 -3.37
C TYR B 98 -9.61 4.07 -2.25
N MET B 99 -9.58 5.41 -2.36
CA MET B 99 -8.94 6.28 -1.36
C MET B 99 -10.04 6.82 -0.47
N PRO B 100 -10.29 6.22 0.71
CA PRO B 100 -11.48 6.66 1.50
C PRO B 100 -11.43 8.09 2.02
N ASN B 101 -10.24 8.65 2.23
CA ASN B 101 -10.11 10.02 2.78
C ASN B 101 -9.92 11.14 1.74
N GLY B 102 -10.27 10.86 0.49
CA GLY B 102 -10.26 11.85 -0.58
C GLY B 102 -8.93 12.47 -0.91
N SER B 103 -8.91 13.80 -1.01
CA SER B 103 -7.72 14.57 -1.41
C SER B 103 -7.17 15.45 -0.31
N LEU B 104 -5.88 15.83 -0.45
CA LEU B 104 -5.18 16.75 0.47
C LEU B 104 -5.89 18.11 0.48
N ASN B 105 -6.40 18.55 -0.68
CA ASN B 105 -7.19 19.76 -0.84
C ASN B 105 -8.39 19.80 0.14
N GLU B 106 -9.14 18.70 0.24
CA GLU B 106 -10.29 18.57 1.15
C GLU B 106 -9.84 18.62 2.61
N LEU B 107 -8.77 17.90 2.97
CA LEU B 107 -8.22 17.91 4.32
C LEU B 107 -7.78 19.33 4.76
N LEU B 108 -7.09 20.08 3.88
CA LEU B 108 -6.63 21.42 4.23
C LEU B 108 -7.70 22.48 4.29
N HIS B 109 -8.71 22.38 3.43
CA HIS B 109 -9.67 23.47 3.33
C HIS B 109 -11.07 23.21 3.89
N ARG B 110 -11.39 21.95 4.26
CA ARG B 110 -12.68 21.67 4.89
C ARG B 110 -12.45 21.79 6.41
N LYS B 111 -12.36 23.03 6.89
CA LYS B 111 -12.07 23.39 8.28
C LYS B 111 -13.19 23.07 9.28
N THR B 112 -14.45 22.89 8.80
CA THR B 112 -15.56 22.52 9.69
C THR B 112 -15.41 21.00 9.93
N GLU B 113 -15.24 20.24 8.83
CA GLU B 113 -15.04 18.80 8.83
C GLU B 113 -13.74 18.45 9.58
N TYR B 114 -12.67 19.26 9.42
CA TYR B 114 -11.38 19.02 10.05
C TYR B 114 -10.82 20.25 10.77
N PRO B 115 -11.28 20.54 12.01
CA PRO B 115 -10.74 21.70 12.74
C PRO B 115 -9.24 21.59 13.07
N ASP B 116 -8.74 20.36 13.30
CA ASP B 116 -7.31 20.17 13.59
C ASP B 116 -6.67 19.18 12.67
N VAL B 117 -5.48 19.53 12.18
CA VAL B 117 -4.66 18.62 11.39
C VAL B 117 -3.29 18.72 12.07
N ALA B 118 -3.02 17.80 12.99
CA ALA B 118 -1.78 17.82 13.78
C ALA B 118 -0.51 17.87 12.94
N TRP B 119 0.47 18.67 13.38
CA TRP B 119 1.76 18.83 12.73
C TRP B 119 2.42 17.51 12.30
N PRO B 120 2.52 16.44 13.17
CA PRO B 120 3.15 15.19 12.70
C PRO B 120 2.58 14.68 11.39
N LEU B 121 1.23 14.71 11.26
CA LEU B 121 0.55 14.26 10.06
C LEU B 121 0.84 15.16 8.85
N ARG B 122 0.82 16.50 9.03
CA ARG B 122 1.17 17.44 7.96
C ARG B 122 2.60 17.17 7.45
N PHE B 123 3.56 16.96 8.36
CA PHE B 123 4.94 16.64 7.98
C PHE B 123 5.07 15.28 7.29
N ARG B 124 4.32 14.27 7.76
CA ARG B 124 4.32 12.95 7.14
C ARG B 124 3.79 13.03 5.69
N ILE B 125 2.70 13.78 5.47
CA ILE B 125 2.13 13.99 4.14
C ILE B 125 3.17 14.64 3.23
N LEU B 126 3.86 15.71 3.72
CA LEU B 126 4.90 16.39 2.93
C LEU B 126 6.06 15.48 2.56
N HIS B 127 6.50 14.64 3.51
CA HIS B 127 7.55 13.66 3.31
C HIS B 127 7.13 12.61 2.23
N GLU B 128 5.90 12.06 2.34
CA GLU B 128 5.42 11.06 1.37
C GLU B 128 5.22 11.61 -0.04
N ILE B 129 4.76 12.89 -0.18
CA ILE B 129 4.65 13.54 -1.51
C ILE B 129 6.08 13.60 -2.11
N ALA B 130 7.09 14.07 -1.33
CA ALA B 130 8.45 14.14 -1.83
C ALA B 130 9.00 12.75 -2.21
N LEU B 131 8.71 11.72 -1.39
CA LEU B 131 9.09 10.31 -1.65
C LEU B 131 8.48 9.79 -2.97
N GLY B 132 7.20 10.09 -3.20
CA GLY B 132 6.50 9.72 -4.44
C GLY B 132 7.08 10.40 -5.68
N VAL B 133 7.25 11.75 -5.61
CA VAL B 133 7.78 12.50 -6.76
C VAL B 133 9.25 12.13 -7.05
N ASN B 134 10.05 11.93 -6.00
CA ASN B 134 11.45 11.52 -6.12
C ASN B 134 11.57 10.20 -6.88
N TYR B 135 10.69 9.22 -6.54
CA TYR B 135 10.64 7.94 -7.21
C TYR B 135 10.40 8.11 -8.73
N LEU B 136 9.37 8.93 -9.10
CA LEU B 136 9.04 9.23 -10.50
C LEU B 136 10.28 9.77 -11.20
N HIS B 137 10.97 10.74 -10.58
CA HIS B 137 12.17 11.38 -11.12
C HIS B 137 13.36 10.43 -11.27
N ASN B 138 13.40 9.35 -10.47
CA ASN B 138 14.49 8.36 -10.47
C ASN B 138 14.27 7.18 -11.43
N MET B 139 13.12 7.16 -12.15
CA MET B 139 12.79 6.10 -13.10
C MET B 139 13.63 6.22 -14.36
N THR B 140 13.67 5.15 -15.18
CA THR B 140 14.43 5.15 -16.44
C THR B 140 13.46 4.97 -17.63
N PRO B 141 13.16 6.05 -18.39
CA PRO B 141 13.64 7.44 -18.23
C PRO B 141 12.86 8.16 -17.12
N PRO B 142 13.32 9.33 -16.61
CA PRO B 142 12.56 10.00 -15.53
C PRO B 142 11.14 10.39 -15.93
N LEU B 143 10.19 10.19 -15.02
CA LEU B 143 8.80 10.57 -15.22
C LEU B 143 8.59 11.87 -14.47
N LEU B 144 8.13 12.88 -15.18
CA LEU B 144 7.91 14.20 -14.60
C LEU B 144 6.42 14.41 -14.49
N HIS B 145 5.91 14.65 -13.27
CA HIS B 145 4.47 14.80 -13.03
C HIS B 145 3.85 15.95 -13.84
N HIS B 146 4.32 17.18 -13.61
CA HIS B 146 3.97 18.42 -14.31
C HIS B 146 2.55 18.91 -14.11
N ASP B 147 1.81 18.33 -13.14
CA ASP B 147 0.48 18.79 -12.78
C ASP B 147 0.15 18.48 -11.33
N LEU B 148 1.16 18.61 -10.45
CA LEU B 148 0.98 18.36 -9.02
C LEU B 148 0.12 19.47 -8.43
N LYS B 149 -0.87 19.07 -7.63
CA LYS B 149 -1.79 19.95 -6.93
C LYS B 149 -2.31 19.23 -5.71
N THR B 150 -2.86 19.97 -4.73
CA THR B 150 -3.44 19.33 -3.53
C THR B 150 -4.64 18.43 -3.88
N GLN B 151 -5.32 18.72 -5.02
CA GLN B 151 -6.47 17.97 -5.55
C GLN B 151 -6.10 16.56 -6.01
N ASN B 152 -4.84 16.31 -6.45
CA ASN B 152 -4.48 14.99 -6.92
C ASN B 152 -3.47 14.26 -5.99
N ILE B 153 -3.33 14.75 -4.74
CA ILE B 153 -2.62 14.06 -3.68
C ILE B 153 -3.77 13.39 -2.91
N LEU B 154 -3.94 12.09 -3.11
CA LEU B 154 -5.03 11.31 -2.49
C LEU B 154 -4.59 10.69 -1.18
N LEU B 155 -5.57 10.46 -0.29
CA LEU B 155 -5.32 9.98 1.07
C LEU B 155 -5.99 8.64 1.34
N ASP B 156 -5.20 7.63 1.73
CA ASP B 156 -5.76 6.29 2.00
C ASP B 156 -6.45 6.24 3.37
N ASN B 157 -6.87 5.04 3.80
CA ASN B 157 -7.60 4.86 5.06
C ASN B 157 -6.84 5.35 6.30
N GLU B 158 -5.50 5.34 6.27
CA GLU B 158 -4.75 5.84 7.43
C GLU B 158 -4.03 7.16 7.10
N PHE B 159 -4.52 7.90 6.08
CA PHE B 159 -4.02 9.21 5.66
C PHE B 159 -2.58 9.16 5.13
N HIS B 160 -2.20 8.06 4.46
CA HIS B 160 -0.94 7.93 3.77
C HIS B 160 -1.21 8.43 2.36
N VAL B 161 -0.19 9.03 1.76
CA VAL B 161 -0.28 9.68 0.45
C VAL B 161 -0.24 8.71 -0.72
N LYS B 162 -1.05 9.00 -1.75
CA LYS B 162 -1.04 8.32 -3.06
C LYS B 162 -1.14 9.41 -4.11
N ILE B 163 -0.07 9.59 -4.90
CA ILE B 163 -0.09 10.59 -5.98
C ILE B 163 -0.85 10.04 -7.19
N ALA B 164 -1.77 10.85 -7.74
CA ALA B 164 -2.59 10.50 -8.91
C ALA B 164 -2.42 11.57 -10.01
N ASP B 165 -3.17 11.42 -11.14
CA ASP B 165 -3.22 12.32 -12.31
C ASP B 165 -1.93 12.39 -13.10
N PHE B 166 -1.80 11.46 -14.01
CA PHE B 166 -0.65 11.37 -14.89
C PHE B 166 -1.05 11.69 -16.34
N GLY B 167 -2.04 12.56 -16.49
CA GLY B 167 -2.52 13.06 -17.76
C GLY B 167 -1.50 13.96 -18.42
N LEU B 168 -0.93 14.92 -17.64
CA LEU B 168 0.10 15.86 -18.12
C LEU B 168 1.52 15.36 -17.83
N SER B 169 1.64 14.18 -17.17
CA SER B 169 2.93 13.59 -16.80
C SER B 169 3.70 13.07 -18.01
N LYS B 170 4.89 13.63 -18.24
CA LYS B 170 5.72 13.25 -19.38
C LYS B 170 7.04 12.57 -19.00
N TRP B 171 7.48 11.64 -19.87
CA TRP B 171 8.73 10.88 -19.77
C TRP B 171 9.88 11.73 -20.32
N ARG B 172 10.91 12.00 -19.50
CA ARG B 172 12.08 12.80 -19.86
C ARG B 172 12.95 12.10 -20.93
N MET B 173 12.55 12.26 -22.21
CA MET B 173 13.21 11.67 -23.37
C MET B 173 13.69 12.76 -24.33
N GLY B 188 -9.59 23.60 -18.49
CA GLY B 188 -8.46 23.74 -17.58
C GLY B 188 -8.84 24.17 -16.17
N GLY B 189 -7.88 24.02 -15.25
CA GLY B 189 -8.03 24.36 -13.83
C GLY B 189 -7.03 25.36 -13.27
N THR B 190 -6.69 25.20 -11.98
CA THR B 190 -5.80 26.11 -11.23
C THR B 190 -4.36 26.24 -11.81
N ILE B 191 -3.78 27.46 -11.70
CA ILE B 191 -2.42 27.75 -12.17
C ILE B 191 -1.46 28.04 -10.99
N ILE B 192 -1.96 28.02 -9.73
CA ILE B 192 -1.18 28.39 -8.54
C ILE B 192 0.04 27.47 -8.27
N TYR B 193 0.07 26.28 -8.88
CA TYR B 193 1.19 25.34 -8.71
C TYR B 193 2.11 25.32 -9.91
N MET B 194 1.89 26.22 -10.87
CA MET B 194 2.64 26.33 -12.10
C MET B 194 3.79 27.37 -12.03
N PRO B 195 5.06 26.92 -12.30
CA PRO B 195 6.19 27.90 -12.32
C PRO B 195 6.00 28.96 -13.40
N PRO B 196 6.46 30.22 -13.20
CA PRO B 196 6.21 31.26 -14.20
C PRO B 196 6.69 30.95 -15.62
N GLU B 197 7.81 30.21 -15.78
CA GLU B 197 8.36 29.87 -17.10
C GLU B 197 7.43 28.94 -17.93
N ASN B 198 6.50 28.27 -17.25
CA ASN B 198 5.57 27.34 -17.92
C ASN B 198 4.33 28.03 -18.53
N TYR B 199 4.11 29.31 -18.23
CA TYR B 199 2.95 30.08 -18.67
C TYR B 199 2.78 30.12 -20.18
N GLU B 200 3.90 30.24 -20.91
CA GLU B 200 3.98 30.20 -22.37
C GLU B 200 4.86 28.98 -22.68
N PRO B 201 4.22 27.81 -22.92
CA PRO B 201 5.00 26.58 -23.10
C PRO B 201 5.74 26.44 -24.42
N GLY B 202 6.54 25.37 -24.47
CA GLY B 202 7.36 24.96 -25.60
C GLY B 202 8.09 23.66 -25.29
N GLN B 203 9.23 23.46 -25.98
CA GLN B 203 10.09 22.28 -25.80
C GLN B 203 10.77 22.31 -24.44
N LYS B 204 11.43 23.45 -24.11
CA LYS B 204 12.17 23.68 -22.87
C LYS B 204 11.32 23.49 -21.59
N SER B 205 10.11 24.12 -21.55
CA SER B 205 9.19 24.07 -20.41
C SER B 205 8.62 22.67 -20.15
N ARG B 206 8.23 21.95 -21.22
CA ARG B 206 7.70 20.59 -21.15
C ARG B 206 8.82 19.60 -20.76
N ALA B 207 10.08 19.93 -21.13
CA ALA B 207 11.28 19.15 -20.82
C ALA B 207 11.81 19.35 -19.38
N SER B 208 11.58 20.56 -18.79
CA SER B 208 12.00 21.03 -17.45
C SER B 208 11.90 19.98 -16.36
N ILE B 209 13.01 19.79 -15.60
CA ILE B 209 13.06 18.87 -14.46
C ILE B 209 12.92 19.70 -13.15
N LYS B 210 12.61 21.01 -13.28
CA LYS B 210 12.45 21.92 -12.14
C LYS B 210 11.01 22.43 -11.97
N HIS B 211 10.06 21.78 -12.64
CA HIS B 211 8.64 22.14 -12.56
C HIS B 211 8.03 21.63 -11.25
N ASP B 212 8.09 20.30 -11.01
CA ASP B 212 7.48 19.62 -9.84
C ASP B 212 7.89 20.20 -8.48
N ILE B 213 9.17 20.62 -8.34
CA ILE B 213 9.67 21.21 -7.08
C ILE B 213 8.97 22.53 -6.77
N TYR B 214 8.67 23.32 -7.82
CA TYR B 214 7.94 24.57 -7.69
C TYR B 214 6.54 24.28 -7.11
N SER B 215 5.81 23.31 -7.71
CA SER B 215 4.48 22.86 -7.30
C SER B 215 4.53 22.41 -5.85
N TYR B 216 5.55 21.59 -5.53
CA TYR B 216 5.82 21.09 -4.19
C TYR B 216 6.04 22.22 -3.18
N ALA B 217 6.74 23.30 -3.57
CA ALA B 217 6.97 24.46 -2.69
C ALA B 217 5.64 25.14 -2.30
N VAL B 218 4.71 25.30 -3.28
CA VAL B 218 3.37 25.86 -3.10
C VAL B 218 2.54 24.93 -2.21
N ILE B 219 2.57 23.59 -2.48
CA ILE B 219 1.88 22.59 -1.66
C ILE B 219 2.35 22.67 -0.22
N THR B 220 3.68 22.78 0.01
CA THR B 220 4.28 22.89 1.35
C THR B 220 3.72 24.09 2.09
N TRP B 221 3.67 25.26 1.42
CA TRP B 221 3.14 26.52 1.97
C TRP B 221 1.68 26.32 2.35
N GLU B 222 0.91 25.68 1.45
CA GLU B 222 -0.52 25.41 1.60
C GLU B 222 -0.78 24.46 2.74
N VAL B 223 0.04 23.41 2.88
CA VAL B 223 -0.08 22.45 3.97
C VAL B 223 0.19 23.14 5.33
N LEU B 224 1.25 23.97 5.42
CA LEU B 224 1.65 24.57 6.69
C LEU B 224 0.78 25.76 7.13
N SER B 225 0.12 26.40 6.18
CA SER B 225 -0.73 27.54 6.46
C SER B 225 -2.22 27.23 6.51
N ARG B 226 -2.67 26.22 5.76
CA ARG B 226 -4.08 25.87 5.52
C ARG B 226 -4.83 27.05 4.83
N LYS B 227 -4.07 27.91 4.14
CA LYS B 227 -4.66 29.02 3.42
C LYS B 227 -4.60 28.79 1.92
N GLN B 228 -5.51 29.43 1.19
CA GLN B 228 -5.52 29.37 -0.27
C GLN B 228 -4.38 30.26 -0.76
N PRO B 229 -3.44 29.71 -1.55
CA PRO B 229 -2.37 30.57 -2.11
C PRO B 229 -2.99 31.70 -2.91
N PHE B 230 -2.51 32.95 -2.70
CA PHE B 230 -3.01 34.17 -3.34
C PHE B 230 -4.51 34.38 -3.06
N GLU B 231 -4.93 34.15 -1.79
CA GLU B 231 -6.31 34.32 -1.34
C GLU B 231 -6.91 35.74 -1.58
N ASP B 232 -6.09 36.79 -1.44
CA ASP B 232 -6.52 38.17 -1.59
C ASP B 232 -6.53 38.68 -3.06
N VAL B 233 -6.24 37.80 -4.04
CA VAL B 233 -6.19 38.16 -5.46
C VAL B 233 -7.45 37.64 -6.19
N THR B 234 -8.22 38.54 -6.81
CA THR B 234 -9.47 38.21 -7.52
C THR B 234 -9.25 37.30 -8.75
N ASN B 235 -8.71 37.87 -9.86
CA ASN B 235 -8.49 37.14 -11.11
C ASN B 235 -7.27 36.24 -11.08
N PRO B 236 -7.40 34.98 -11.58
CA PRO B 236 -6.23 34.10 -11.68
C PRO B 236 -5.20 34.64 -12.69
N LEU B 237 -5.64 35.51 -13.61
CA LEU B 237 -4.75 36.13 -14.60
C LEU B 237 -3.87 37.15 -13.90
N GLN B 238 -4.42 37.81 -12.86
CA GLN B 238 -3.68 38.76 -12.02
C GLN B 238 -2.65 37.98 -11.18
N ILE B 239 -2.97 36.73 -10.77
CA ILE B 239 -2.01 35.87 -10.06
C ILE B 239 -0.80 35.66 -10.96
N MET B 240 -1.05 35.23 -12.23
CA MET B 240 -0.05 35.01 -13.27
C MET B 240 0.89 36.22 -13.46
N TYR B 241 0.32 37.44 -13.48
CA TYR B 241 1.11 38.67 -13.64
C TYR B 241 2.04 38.85 -12.45
N SER B 242 1.52 38.63 -11.23
CA SER B 242 2.26 38.77 -9.96
C SER B 242 3.38 37.76 -9.83
N VAL B 243 3.11 36.49 -10.17
CA VAL B 243 4.08 35.40 -10.10
C VAL B 243 5.25 35.66 -11.06
N SER B 244 4.99 36.11 -12.31
CA SER B 244 6.02 36.41 -13.32
C SER B 244 6.98 37.54 -12.90
N GLN B 245 6.50 38.41 -12.00
CA GLN B 245 7.25 39.52 -11.41
C GLN B 245 8.11 39.01 -10.22
N GLY B 246 7.74 37.85 -9.67
CA GLY B 246 8.48 37.22 -8.58
C GLY B 246 7.75 37.14 -7.25
N HIS B 247 6.47 37.53 -7.26
CA HIS B 247 5.60 37.52 -6.10
C HIS B 247 5.10 36.11 -5.85
N ARG B 248 5.03 35.75 -4.56
CA ARG B 248 4.64 34.39 -4.15
C ARG B 248 3.63 34.46 -3.02
N PRO B 249 2.96 33.34 -2.62
CA PRO B 249 2.08 33.39 -1.46
C PRO B 249 2.81 33.99 -0.25
N VAL B 250 2.10 34.79 0.55
CA VAL B 250 2.69 35.53 1.68
C VAL B 250 3.30 34.65 2.77
N ILE B 251 4.54 34.98 3.18
CA ILE B 251 5.26 34.32 4.26
C ILE B 251 5.41 35.37 5.38
N ASN B 252 4.56 35.25 6.40
CA ASN B 252 4.58 36.12 7.57
C ASN B 252 4.01 35.36 8.78
N GLU B 253 3.86 36.05 9.94
CA GLU B 253 3.33 35.48 11.19
C GLU B 253 1.86 35.05 11.05
N GLU B 254 1.08 35.74 10.20
CA GLU B 254 -0.34 35.44 9.99
C GLU B 254 -0.53 34.15 9.20
N SER B 255 0.21 33.97 8.08
CA SER B 255 0.10 32.78 7.21
C SER B 255 0.86 31.60 7.80
N LEU B 256 2.10 31.85 8.27
CA LEU B 256 2.94 30.82 8.86
C LEU B 256 3.29 31.22 10.30
N PRO B 257 2.44 30.84 11.28
CA PRO B 257 2.71 31.23 12.68
C PRO B 257 4.05 30.79 13.23
N TYR B 258 4.58 31.52 14.22
CA TYR B 258 5.89 31.25 14.82
C TYR B 258 5.97 29.92 15.59
N ASP B 259 4.80 29.31 15.92
CA ASP B 259 4.71 28.05 16.67
C ASP B 259 4.87 26.79 15.80
N ILE B 260 4.97 26.94 14.44
CA ILE B 260 5.14 25.80 13.51
C ILE B 260 6.45 25.09 13.82
N PRO B 261 6.44 23.76 14.06
CA PRO B 261 7.72 23.05 14.24
C PRO B 261 8.65 23.26 13.02
N HIS B 262 9.95 23.50 13.27
CA HIS B 262 11.00 23.66 12.24
C HIS B 262 10.65 24.73 11.19
N ARG B 263 10.01 25.82 11.65
CA ARG B 263 9.54 26.90 10.81
C ARG B 263 10.62 27.46 9.88
N ALA B 264 11.80 27.83 10.42
CA ALA B 264 12.89 28.40 9.61
C ALA B 264 13.35 27.45 8.50
N ARG B 265 13.54 26.17 8.82
CA ARG B 265 13.96 25.18 7.84
C ARG B 265 12.93 24.98 6.71
N MET B 266 11.63 24.96 7.07
CA MET B 266 10.51 24.78 6.15
C MET B 266 10.37 25.98 5.22
N ILE B 267 10.51 27.21 5.75
CA ILE B 267 10.49 28.45 4.99
C ILE B 267 11.64 28.47 3.98
N SER B 268 12.84 28.04 4.40
CA SER B 268 14.02 27.93 3.54
C SER B 268 13.76 27.00 2.34
N LEU B 269 13.14 25.83 2.62
CA LEU B 269 12.79 24.82 1.62
C LEU B 269 11.76 25.38 0.62
N ILE B 270 10.68 26.00 1.13
CA ILE B 270 9.64 26.66 0.33
C ILE B 270 10.27 27.70 -0.62
N GLU B 271 11.05 28.64 -0.06
CA GLU B 271 11.66 29.75 -0.83
C GLU B 271 12.66 29.30 -1.88
N SER B 272 13.44 28.23 -1.62
CA SER B 272 14.36 27.71 -2.63
C SER B 272 13.57 26.97 -3.74
N GLY B 273 12.56 26.17 -3.32
CA GLY B 273 11.68 25.41 -4.20
C GLY B 273 10.89 26.24 -5.20
N TRP B 274 10.41 27.44 -4.81
CA TRP B 274 9.65 28.30 -5.72
C TRP B 274 10.46 29.49 -6.26
N ALA B 275 11.81 29.39 -6.26
CA ALA B 275 12.68 30.47 -6.77
C ALA B 275 12.36 30.80 -8.24
N GLN B 276 12.45 32.09 -8.64
CA GLN B 276 12.21 32.55 -9.99
C GLN B 276 13.11 31.82 -11.00
N ASN B 277 14.41 31.70 -10.66
CA ASN B 277 15.40 30.99 -11.46
C ASN B 277 15.25 29.48 -11.20
N PRO B 278 14.83 28.68 -12.22
CA PRO B 278 14.69 27.22 -12.01
C PRO B 278 15.97 26.52 -11.51
N ASP B 279 17.15 26.99 -12.00
CA ASP B 279 18.48 26.47 -11.65
C ASP B 279 18.75 26.54 -10.15
N GLU B 280 18.07 27.43 -9.43
CA GLU B 280 18.22 27.62 -7.98
C GLU B 280 17.29 26.73 -7.15
N ARG B 281 16.37 25.99 -7.82
CA ARG B 281 15.44 25.11 -7.11
C ARG B 281 16.12 23.79 -6.79
N PRO B 282 15.92 23.21 -5.60
CA PRO B 282 16.61 21.94 -5.27
C PRO B 282 16.02 20.70 -5.97
N SER B 283 16.76 19.59 -5.95
CA SER B 283 16.29 18.30 -6.43
C SER B 283 15.45 17.72 -5.28
N PHE B 284 14.61 16.71 -5.56
CA PHE B 284 13.83 16.04 -4.51
C PHE B 284 14.71 15.27 -3.57
N LEU B 285 15.88 14.79 -4.05
CA LEU B 285 16.86 14.11 -3.19
C LEU B 285 17.30 15.05 -2.07
N LYS B 286 17.71 16.29 -2.43
CA LYS B 286 18.16 17.33 -1.50
C LYS B 286 17.05 17.64 -0.50
N CYS B 287 15.83 17.82 -1.02
CA CYS B 287 14.62 18.06 -0.25
C CYS B 287 14.40 16.96 0.81
N LEU B 288 14.54 15.69 0.39
CA LEU B 288 14.37 14.53 1.26
C LEU B 288 15.42 14.43 2.38
N ILE B 289 16.67 14.74 2.07
CA ILE B 289 17.78 14.74 3.02
C ILE B 289 17.57 15.82 4.12
N GLU B 290 16.89 16.92 3.78
CA GLU B 290 16.53 18.01 4.69
C GLU B 290 15.34 17.58 5.56
N LEU B 291 14.34 16.90 4.96
CA LEU B 291 13.13 16.48 5.68
C LEU B 291 13.36 15.31 6.65
N GLU B 292 14.27 14.38 6.32
CA GLU B 292 14.54 13.19 7.16
C GLU B 292 14.81 13.53 8.65
N PRO B 293 15.72 14.48 9.01
CA PRO B 293 15.89 14.78 10.44
C PRO B 293 14.65 15.40 11.10
N VAL B 294 13.86 16.17 10.34
CA VAL B 294 12.61 16.79 10.80
C VAL B 294 11.59 15.69 11.19
N LEU B 295 11.45 14.66 10.34
CA LEU B 295 10.51 13.58 10.56
C LEU B 295 10.88 12.71 11.73
N ARG B 296 12.18 12.59 12.01
CA ARG B 296 12.70 11.78 13.11
C ARG B 296 12.39 12.38 14.50
N THR B 297 12.08 13.70 14.57
CA THR B 297 11.73 14.38 15.83
C THR B 297 10.30 14.08 16.32
N PHE B 298 9.47 13.39 15.50
CA PHE B 298 8.11 13.00 15.82
C PHE B 298 8.04 11.53 16.21
N GLU B 299 7.53 11.24 17.44
CA GLU B 299 7.34 9.87 17.90
C GLU B 299 6.23 9.22 17.09
N GLU B 300 6.35 7.90 16.83
CA GLU B 300 5.40 7.18 15.99
C GLU B 300 3.94 7.30 16.41
N ILE B 301 3.68 7.34 17.73
CA ILE B 301 2.32 7.40 18.27
C ILE B 301 1.58 8.67 17.88
N THR B 302 2.33 9.78 17.64
CA THR B 302 1.77 11.08 17.29
C THR B 302 1.06 11.02 15.95
N PHE B 303 1.53 10.16 15.01
CA PHE B 303 0.90 9.99 13.69
C PHE B 303 -0.44 9.29 13.87
N LEU B 304 -0.49 8.27 14.73
CA LEU B 304 -1.71 7.53 15.06
C LEU B 304 -2.75 8.41 15.73
N GLU B 305 -2.32 9.25 16.69
CA GLU B 305 -3.15 10.19 17.45
C GLU B 305 -3.71 11.26 16.53
N ALA B 306 -2.93 11.70 15.52
CA ALA B 306 -3.33 12.72 14.55
C ALA B 306 -4.50 12.19 13.70
N VAL B 307 -4.42 10.93 13.30
CA VAL B 307 -5.43 10.25 12.47
C VAL B 307 -6.73 10.02 13.28
N ILE B 308 -6.65 9.47 14.50
CA ILE B 308 -7.83 9.28 15.36
C ILE B 308 -8.57 10.60 15.61
N GLN B 309 -7.83 11.71 15.74
CA GLN B 309 -8.38 13.06 15.95
C GLN B 309 -9.26 13.48 14.74
N LEU B 310 -8.91 13.01 13.53
CA LEU B 310 -9.65 13.28 12.30
C LEU B 310 -10.96 12.48 12.14
N LYS B 311 -11.07 11.29 12.76
CA LYS B 311 -12.26 10.43 12.69
C LYS B 311 -13.45 10.95 13.48
C1 GEZ C . 10.21 -7.05 10.75
O2 GEZ C . 10.52 -8.36 10.27
C3 GEZ C . 10.35 -8.65 8.93
C4 GEZ C . 9.88 -7.74 8.02
C5 GEZ C . 9.75 -8.05 6.65
N6 GEZ C . 9.27 -7.08 5.81
C7 GEZ C . 9.11 -7.43 4.53
C8 GEZ C . 9.39 -8.68 4.01
C9 GEZ C . 9.90 -9.69 4.83
N10 GEZ C . 10.21 -10.98 4.36
C11 GEZ C . 10.09 -11.44 3.07
N12 GEZ C . 9.31 -12.48 2.80
N13 GEZ C . 9.44 -12.62 1.47
C14 GEZ C . 10.27 -11.75 0.87
C15 GEZ C . 10.51 -11.79 -0.61
C16 GEZ C . 10.75 -10.94 1.88
C17 GEZ C . 11.73 -9.81 1.84
C18 GEZ C . 10.09 -9.37 6.21
C19 GEZ C . 10.57 -10.30 7.17
C20 GEZ C . 10.70 -9.93 8.50
S21 GEZ C . 11.36 -11.18 9.58
O22 GEZ C . 12.07 -12.10 8.73
O23 GEZ C . 12.07 -10.57 10.67
C24 GEZ C . 9.97 -12.13 10.31
C25 GEZ C . 9.17 -12.80 9.21
C26 GEZ C . 10.61 -13.17 11.22
C27 GEZ C . 9.03 -11.23 11.12
C1 GEZ D . -13.19 9.68 -1.95
O2 GEZ D . -13.09 10.33 -3.21
C3 GEZ D . -12.20 9.85 -4.16
C4 GEZ D . -11.50 8.67 -4.00
C5 GEZ D . -10.63 8.18 -5.01
N6 GEZ D . -9.98 7.00 -4.76
C7 GEZ D . -9.12 6.60 -5.71
C8 GEZ D . -8.89 7.26 -6.90
C9 GEZ D . -9.55 8.44 -7.18
N10 GEZ D . -9.40 9.16 -8.40
C11 GEZ D . -8.65 8.76 -9.47
N12 GEZ D . -7.68 9.57 -9.90
N13 GEZ D . -7.16 8.89 -10.95
C14 GEZ D . -7.76 7.72 -11.23
C15 GEZ D . -7.27 6.90 -12.40
C16 GEZ D . -8.76 7.56 -10.28
C17 GEZ D . -9.75 6.48 -10.09
C18 GEZ D . -10.45 8.95 -6.19
C19 GEZ D . -11.19 10.16 -6.33
C20 GEZ D . -12.02 10.59 -5.33
S21 GEZ D . -12.91 12.11 -5.67
O22 GEZ D . -12.95 12.19 -7.10
O23 GEZ D . -14.17 12.15 -4.96
C24 GEZ D . -11.91 13.53 -5.08
C25 GEZ D . -10.60 13.66 -5.85
C26 GEZ D . -12.73 14.78 -5.35
C27 GEZ D . -11.62 13.42 -3.60
#